data_2O14
#
_entry.id   2O14
#
_cell.length_a   85.425
_cell.length_b   59.774
_cell.length_c   92.388
_cell.angle_alpha   90.00
_cell.angle_beta   100.34
_cell.angle_gamma   90.00
#
_symmetry.space_group_name_H-M   'C 1 2 1'
#
loop_
_entity.id
_entity.type
_entity.pdbx_description
1 polymer 'Hypothetical protein yxiM'
2 non-polymer 'MANGANESE (II) ION'
3 non-polymer 'SULFATE ION'
4 water water
#
_entity_poly.entity_id   1
_entity_poly.type   'polypeptide(L)'
_entity_poly.pdbx_seq_one_letter_code
;(MSE)FGGIENVKAAEPKVYQFDFGSGS(MSE)EPGYIGVRASDRYDRSKGYGFQTPEN(MSE)RDVAASGAGVKSDAVE
FLAYGTKSNNTFNVDLPNGLYEVKVTLGNTARASVAAEGVFQVIN(MSE)TGDGAEDTFQIPVTDGQLNLLVTEGKAGTA
FTLSALKIKKLSDQPVTNRTIYVGGDSTVCNYYPLNSSKQAGWGQ(MSE)LPHYIDKHTFQVRN(MSE)ASGGQIARGFR
NDGQLEAILKYIKPGDYF(MSE)LQLGINDTNPKHKESEAEFKEV(MSE)RD(MSE)IRQVKAKGADVILSTPQGRATDF
TSEGIHSSVNRWYRASILALAEEEKTYLIDLNVLSSAYFTSIGPERTLGLY(MSE)DGDTLHPNRAGADALARLAVQELK
RQGIAGFLEHHHHHH
;
_entity_poly.pdbx_strand_id   A
#
loop_
_chem_comp.id
_chem_comp.type
_chem_comp.name
_chem_comp.formula
MN non-polymer 'MANGANESE (II) ION' 'Mn 2'
SO4 non-polymer 'SULFATE ION' 'O4 S -2'
#
# COMPACT_ATOMS: atom_id res chain seq x y z
N LYS A 14 14.83 11.66 -19.45
CA LYS A 14 15.61 10.82 -18.49
C LYS A 14 14.82 9.58 -18.06
N VAL A 15 14.79 8.57 -18.93
CA VAL A 15 14.07 7.33 -18.62
C VAL A 15 14.94 6.09 -18.86
N TYR A 16 15.00 5.23 -17.85
CA TYR A 16 15.77 3.99 -17.90
C TYR A 16 14.77 2.84 -17.97
N GLN A 17 14.92 1.96 -18.96
CA GLN A 17 14.01 0.85 -19.12
C GLN A 17 14.72 -0.49 -19.16
N PHE A 18 14.31 -1.39 -18.27
CA PHE A 18 14.93 -2.70 -18.16
C PHE A 18 13.94 -3.83 -18.40
N ASP A 19 14.30 -4.75 -19.27
CA ASP A 19 13.48 -5.92 -19.58
C ASP A 19 14.21 -7.11 -18.98
N PHE A 20 13.75 -7.56 -17.83
CA PHE A 20 14.35 -8.68 -17.11
C PHE A 20 14.02 -10.06 -17.68
N GLY A 21 15.02 -10.93 -17.73
CA GLY A 21 14.82 -12.27 -18.25
C GLY A 21 15.79 -12.58 -19.37
N SER A 22 15.86 -13.84 -19.78
CA SER A 22 16.77 -14.24 -20.85
C SER A 22 16.09 -14.77 -22.11
N GLY A 23 14.76 -14.87 -22.11
CA GLY A 23 14.07 -15.41 -23.27
C GLY A 23 14.03 -14.50 -24.48
N SER A 24 13.55 -13.28 -24.28
CA SER A 24 13.44 -12.29 -25.35
C SER A 24 13.80 -10.89 -24.83
N MSE A 25 14.38 -10.07 -25.71
CA MSE A 25 14.76 -8.71 -25.37
C MSE A 25 13.97 -7.78 -26.29
O MSE A 25 14.13 -7.82 -27.51
CB MSE A 25 16.27 -8.50 -25.56
CG MSE A 25 17.15 -9.14 -24.48
SE MSE A 25 17.26 -11.10 -24.48
CE MSE A 25 19.03 -11.33 -25.26
N GLU A 26 13.11 -6.95 -25.69
CA GLU A 26 12.27 -6.05 -26.47
C GLU A 26 12.92 -4.70 -26.74
N PRO A 27 12.66 -4.13 -27.92
CA PRO A 27 13.22 -2.82 -28.30
C PRO A 27 12.84 -1.72 -27.32
N GLY A 28 13.79 -0.81 -27.09
CA GLY A 28 13.56 0.30 -26.18
C GLY A 28 13.87 -0.09 -24.75
N TYR A 29 14.21 -1.36 -24.54
CA TYR A 29 14.52 -1.86 -23.22
C TYR A 29 15.92 -2.46 -23.18
N ILE A 30 16.57 -2.31 -22.03
CA ILE A 30 17.89 -2.90 -21.85
C ILE A 30 17.60 -4.27 -21.25
N GLY A 31 18.04 -5.32 -21.92
CA GLY A 31 17.81 -6.67 -21.42
C GLY A 31 18.73 -6.92 -20.23
N VAL A 32 18.15 -7.38 -19.12
CA VAL A 32 18.94 -7.68 -17.93
C VAL A 32 18.66 -9.11 -17.52
N ARG A 33 19.71 -9.90 -17.53
CA ARG A 33 19.68 -11.32 -17.21
C ARG A 33 20.09 -11.52 -15.75
N ALA A 34 19.66 -12.62 -15.14
CA ALA A 34 19.99 -12.89 -13.74
C ALA A 34 21.49 -12.93 -13.45
N SER A 35 22.29 -13.33 -14.45
CA SER A 35 23.74 -13.40 -14.26
C SER A 35 24.44 -12.08 -14.51
N ASP A 36 23.68 -11.03 -14.85
CA ASP A 36 24.29 -9.73 -15.08
C ASP A 36 24.63 -9.10 -13.73
N ARG A 37 25.86 -9.30 -13.28
CA ARG A 37 26.32 -8.75 -12.02
C ARG A 37 26.41 -7.24 -12.14
N TYR A 38 26.14 -6.53 -11.04
CA TYR A 38 26.22 -5.07 -11.04
C TYR A 38 27.60 -4.66 -11.56
N ASP A 39 27.62 -3.83 -12.59
CA ASP A 39 28.85 -3.35 -13.20
C ASP A 39 28.79 -1.82 -13.21
N ARG A 40 29.63 -1.18 -12.41
CA ARG A 40 29.62 0.27 -12.34
C ARG A 40 29.90 0.97 -13.67
N SER A 41 30.68 0.34 -14.54
CA SER A 41 30.97 0.95 -15.84
C SER A 41 29.71 0.93 -16.70
N LYS A 42 28.79 0.01 -16.41
CA LYS A 42 27.53 -0.09 -17.14
C LYS A 42 26.44 0.67 -16.37
N GLY A 43 26.55 0.73 -15.06
CA GLY A 43 25.57 1.45 -14.26
C GLY A 43 24.41 0.65 -13.72
N TYR A 44 24.42 -0.67 -13.88
CA TYR A 44 23.32 -1.48 -13.38
C TYR A 44 23.71 -2.96 -13.28
N GLY A 45 22.87 -3.75 -12.62
CA GLY A 45 23.15 -5.16 -12.48
C GLY A 45 22.80 -5.66 -11.09
N PHE A 46 22.83 -6.98 -10.92
CA PHE A 46 22.51 -7.57 -9.62
C PHE A 46 23.70 -7.64 -8.67
N GLN A 47 23.44 -7.25 -7.42
CA GLN A 47 24.47 -7.21 -6.39
C GLN A 47 24.95 -8.61 -6.03
N THR A 48 24.03 -9.56 -5.95
CA THR A 48 24.33 -10.94 -5.63
C THR A 48 23.63 -11.85 -6.65
N PRO A 49 24.21 -11.98 -7.85
CA PRO A 49 23.66 -12.82 -8.93
C PRO A 49 23.41 -14.28 -8.54
N GLU A 50 24.18 -14.79 -7.58
CA GLU A 50 24.03 -16.18 -7.15
C GLU A 50 22.62 -16.49 -6.63
N ASN A 51 21.90 -15.46 -6.20
CA ASN A 51 20.55 -15.67 -5.68
C ASN A 51 19.46 -15.18 -6.64
N MSE A 52 19.82 -15.04 -7.91
CA MSE A 52 18.89 -14.59 -8.93
C MSE A 52 18.76 -15.71 -9.94
O MSE A 52 19.72 -16.46 -10.16
CB MSE A 52 19.40 -13.33 -9.63
CG MSE A 52 19.62 -12.12 -8.74
SE MSE A 52 18.02 -11.43 -7.87
CE MSE A 52 16.86 -11.37 -9.41
N ARG A 53 17.60 -15.84 -10.56
CA ARG A 53 17.38 -16.90 -11.55
C ARG A 53 16.48 -16.41 -12.68
N ASP A 54 16.81 -16.80 -13.92
CA ASP A 54 15.99 -16.41 -15.07
C ASP A 54 14.79 -17.35 -15.15
N VAL A 55 13.60 -16.79 -15.33
CA VAL A 55 12.41 -17.63 -15.42
C VAL A 55 11.45 -17.11 -16.46
N ALA A 56 10.64 -18.01 -16.99
CA ALA A 56 9.66 -17.65 -17.99
C ALA A 56 8.49 -16.95 -17.29
N ALA A 57 7.73 -16.17 -18.06
CA ALA A 57 6.56 -15.46 -17.54
C ALA A 57 5.43 -15.65 -18.55
N SER A 58 4.19 -15.57 -18.07
CA SER A 58 3.00 -15.78 -18.90
C SER A 58 2.52 -14.67 -19.83
N GLY A 59 3.12 -13.49 -19.76
CA GLY A 59 2.64 -12.40 -20.61
C GLY A 59 3.31 -12.15 -21.95
N ALA A 60 2.93 -11.05 -22.59
CA ALA A 60 3.48 -10.67 -23.87
C ALA A 60 4.57 -9.63 -23.69
N GLY A 61 5.43 -9.49 -24.70
CA GLY A 61 6.51 -8.51 -24.63
C GLY A 61 7.43 -8.74 -23.45
N VAL A 62 7.79 -7.67 -22.75
CA VAL A 62 8.67 -7.79 -21.59
C VAL A 62 8.08 -8.67 -20.49
N LYS A 63 6.79 -9.00 -20.61
CA LYS A 63 6.11 -9.83 -19.62
C LYS A 63 6.26 -11.32 -19.94
N SER A 64 6.94 -11.64 -21.03
CA SER A 64 7.15 -13.03 -21.43
C SER A 64 8.27 -13.70 -20.63
N ASP A 65 9.09 -12.90 -19.96
CA ASP A 65 10.18 -13.46 -19.16
C ASP A 65 10.47 -12.61 -17.94
N ALA A 66 11.28 -13.15 -17.02
CA ALA A 66 11.60 -12.42 -15.80
C ALA A 66 12.77 -13.03 -15.05
N VAL A 67 13.10 -12.41 -13.91
CA VAL A 67 14.15 -12.91 -13.04
C VAL A 67 13.43 -13.18 -11.73
N GLU A 68 13.87 -14.19 -11.00
CA GLU A 68 13.26 -14.53 -9.72
C GLU A 68 14.24 -14.27 -8.58
N PHE A 69 13.77 -13.59 -7.54
CA PHE A 69 14.62 -13.32 -6.40
C PHE A 69 14.51 -14.53 -5.46
N LEU A 70 15.61 -15.28 -5.37
CA LEU A 70 15.67 -16.48 -4.53
C LEU A 70 15.92 -16.12 -3.06
N ALA A 71 16.55 -14.98 -2.84
CA ALA A 71 16.81 -14.49 -1.50
C ALA A 71 16.00 -13.20 -1.49
N TYR A 72 15.31 -12.92 -0.38
CA TYR A 72 14.51 -11.70 -0.31
C TYR A 72 14.47 -11.11 1.09
N GLY A 73 13.54 -10.17 1.31
CA GLY A 73 13.43 -9.49 2.59
C GLY A 73 13.88 -8.05 2.36
N THR A 74 13.24 -7.08 3.01
CA THR A 74 13.58 -5.68 2.81
C THR A 74 15.04 -5.29 3.03
N LYS A 75 15.76 -6.07 3.81
CA LYS A 75 17.17 -5.78 4.08
C LYS A 75 18.11 -6.66 3.27
N SER A 76 17.55 -7.51 2.43
CA SER A 76 18.37 -8.40 1.62
C SER A 76 19.30 -7.64 0.68
N ASN A 77 20.48 -8.19 0.45
CA ASN A 77 21.45 -7.58 -0.45
C ASN A 77 21.21 -8.09 -1.85
N ASN A 78 20.25 -9.01 -1.98
CA ASN A 78 19.90 -9.59 -3.27
C ASN A 78 19.06 -8.59 -4.08
N THR A 79 19.65 -7.45 -4.42
CA THR A 79 18.91 -6.44 -5.17
C THR A 79 19.41 -6.22 -6.59
N PHE A 80 18.61 -5.49 -7.35
CA PHE A 80 18.97 -5.08 -8.70
C PHE A 80 19.40 -3.64 -8.42
N ASN A 81 20.61 -3.26 -8.80
CA ASN A 81 21.08 -1.90 -8.57
C ASN A 81 21.16 -1.13 -9.86
N VAL A 82 20.94 0.18 -9.77
CA VAL A 82 21.03 1.05 -10.92
C VAL A 82 21.51 2.41 -10.44
N ASP A 83 22.67 2.84 -10.94
CA ASP A 83 23.22 4.13 -10.57
C ASP A 83 22.37 5.22 -11.24
N LEU A 84 22.01 6.24 -10.47
CA LEU A 84 21.19 7.34 -10.98
C LEU A 84 21.56 8.67 -10.34
N PRO A 85 21.53 9.76 -11.13
CA PRO A 85 21.86 11.05 -10.54
C PRO A 85 20.83 11.28 -9.43
N ASN A 86 21.22 11.92 -8.34
CA ASN A 86 20.29 12.16 -7.25
C ASN A 86 19.06 12.95 -7.72
N GLY A 87 17.93 12.72 -7.05
CA GLY A 87 16.69 13.40 -7.38
C GLY A 87 15.50 12.53 -7.02
N LEU A 88 14.31 12.94 -7.45
CA LEU A 88 13.10 12.17 -7.18
C LEU A 88 12.78 11.39 -8.46
N TYR A 89 12.52 10.09 -8.30
CA TYR A 89 12.22 9.25 -9.46
C TYR A 89 10.87 8.56 -9.42
N GLU A 90 10.35 8.25 -10.59
CA GLU A 90 9.09 7.54 -10.71
C GLU A 90 9.50 6.15 -11.15
N VAL A 91 9.03 5.13 -10.43
CA VAL A 91 9.36 3.76 -10.77
C VAL A 91 8.11 2.95 -11.10
N LYS A 92 8.03 2.47 -12.34
CA LYS A 92 6.91 1.65 -12.75
C LYS A 92 7.41 0.23 -12.67
N VAL A 93 6.72 -0.61 -11.90
CA VAL A 93 7.10 -1.99 -11.71
C VAL A 93 6.19 -2.95 -12.45
N THR A 94 6.79 -3.94 -13.11
CA THR A 94 6.05 -4.96 -13.84
C THR A 94 6.61 -6.31 -13.39
N LEU A 95 5.83 -7.06 -12.64
CA LEU A 95 6.27 -8.36 -12.14
C LEU A 95 6.14 -9.49 -13.15
N GLY A 96 6.67 -10.66 -12.78
CA GLY A 96 6.58 -11.83 -13.62
C GLY A 96 5.38 -12.62 -13.12
N ASN A 97 5.43 -13.94 -13.18
CA ASN A 97 4.31 -14.74 -12.69
C ASN A 97 4.24 -14.49 -11.19
N THR A 98 3.08 -14.05 -10.73
CA THR A 98 2.91 -13.69 -9.32
C THR A 98 1.64 -14.14 -8.64
N ALA A 99 1.79 -14.63 -7.41
CA ALA A 99 0.64 -15.02 -6.59
C ALA A 99 0.39 -13.76 -5.75
N ARG A 100 1.37 -13.39 -4.94
CA ARG A 100 1.27 -12.18 -4.12
C ARG A 100 2.67 -11.79 -3.66
N ALA A 101 3.10 -10.59 -4.03
CA ALA A 101 4.43 -10.11 -3.69
C ALA A 101 4.46 -8.61 -3.46
N SER A 102 5.49 -8.16 -2.76
CA SER A 102 5.67 -6.73 -2.48
C SER A 102 6.99 -6.28 -3.10
N VAL A 103 7.15 -4.97 -3.25
CA VAL A 103 8.37 -4.43 -3.80
C VAL A 103 9.09 -3.67 -2.70
N ALA A 104 10.40 -3.84 -2.63
CA ALA A 104 11.23 -3.16 -1.62
C ALA A 104 12.33 -2.38 -2.32
N ALA A 105 12.70 -1.24 -1.76
CA ALA A 105 13.76 -0.42 -2.34
C ALA A 105 14.32 0.45 -1.23
N GLU A 106 15.64 0.59 -1.20
CA GLU A 106 16.30 1.39 -0.18
C GLU A 106 16.03 0.85 1.23
N GLY A 107 15.93 -0.47 1.34
CA GLY A 107 15.72 -1.11 2.63
C GLY A 107 14.32 -1.15 3.24
N VAL A 108 13.31 -0.70 2.50
CA VAL A 108 11.94 -0.71 3.03
C VAL A 108 10.89 -1.03 1.96
N PHE A 109 9.69 -1.39 2.41
CA PHE A 109 8.61 -1.69 1.47
C PHE A 109 8.23 -0.44 0.68
N GLN A 110 7.90 -0.61 -0.59
CA GLN A 110 7.48 0.50 -1.44
C GLN A 110 6.07 0.22 -1.97
N VAL A 111 5.80 -1.02 -2.35
CA VAL A 111 4.47 -1.41 -2.84
C VAL A 111 4.05 -2.67 -2.09
N ILE A 112 2.82 -2.69 -1.58
CA ILE A 112 2.35 -3.83 -0.82
C ILE A 112 1.40 -4.79 -1.50
N ASN A 113 1.75 -6.07 -1.47
CA ASN A 113 0.95 -7.16 -2.02
C ASN A 113 0.31 -7.00 -3.40
N MSE A 114 1.15 -6.85 -4.42
CA MSE A 114 0.66 -6.79 -5.79
C MSE A 114 0.31 -8.25 -6.11
O MSE A 114 0.96 -9.16 -5.59
CB MSE A 114 1.75 -6.28 -6.73
CG MSE A 114 2.20 -4.85 -6.48
SE MSE A 114 3.85 -4.46 -7.46
CE MSE A 114 4.96 -5.76 -6.55
N THR A 115 -0.70 -8.49 -6.94
CA THR A 115 -1.06 -9.87 -7.27
C THR A 115 -1.27 -10.08 -8.76
N GLY A 116 -1.20 -11.34 -9.20
CA GLY A 116 -1.40 -11.65 -10.60
C GLY A 116 -0.15 -11.50 -11.45
N ASP A 117 -0.01 -12.41 -12.42
CA ASP A 117 1.12 -12.39 -13.34
C ASP A 117 1.18 -11.04 -14.05
N GLY A 118 2.38 -10.48 -14.17
CA GLY A 118 2.52 -9.20 -14.85
C GLY A 118 1.90 -8.02 -14.13
N ALA A 119 1.62 -8.20 -12.85
CA ALA A 119 1.04 -7.13 -12.04
C ALA A 119 1.89 -5.88 -12.17
N GLU A 120 1.25 -4.72 -12.24
CA GLU A 120 1.97 -3.47 -12.38
C GLU A 120 1.50 -2.41 -11.39
N ASP A 121 2.40 -1.50 -11.07
CA ASP A 121 2.08 -0.39 -10.18
C ASP A 121 3.21 0.59 -10.31
N THR A 122 3.00 1.80 -9.81
CA THR A 122 4.00 2.84 -9.89
C THR A 122 4.17 3.57 -8.56
N PHE A 123 5.39 3.96 -8.24
CA PHE A 123 5.62 4.69 -7.00
C PHE A 123 6.78 5.65 -7.20
N GLN A 124 6.83 6.69 -6.37
CA GLN A 124 7.90 7.67 -6.45
C GLN A 124 8.88 7.42 -5.32
N ILE A 125 10.15 7.72 -5.56
CA ILE A 125 11.16 7.49 -4.54
C ILE A 125 12.36 8.42 -4.70
N PRO A 126 12.83 9.01 -3.60
CA PRO A 126 13.99 9.90 -3.76
C PRO A 126 15.28 9.08 -3.75
N VAL A 127 16.21 9.46 -4.62
CA VAL A 127 17.51 8.80 -4.69
C VAL A 127 18.51 9.83 -4.14
N THR A 128 19.16 9.48 -3.05
CA THR A 128 20.10 10.39 -2.41
C THR A 128 21.55 9.93 -2.35
N ASP A 129 21.79 8.63 -2.49
CA ASP A 129 23.16 8.13 -2.45
C ASP A 129 23.66 7.76 -3.85
N GLY A 130 22.92 8.24 -4.86
CA GLY A 130 23.29 8.00 -6.24
C GLY A 130 23.06 6.61 -6.80
N GLN A 131 22.25 5.80 -6.12
CA GLN A 131 21.98 4.44 -6.59
C GLN A 131 20.68 3.88 -6.02
N LEU A 132 19.91 3.21 -6.88
CA LEU A 132 18.64 2.60 -6.47
C LEU A 132 18.84 1.10 -6.31
N ASN A 133 18.39 0.54 -5.19
CA ASN A 133 18.52 -0.89 -4.94
C ASN A 133 17.13 -1.45 -4.65
N LEU A 134 16.64 -2.25 -5.59
CA LEU A 134 15.30 -2.80 -5.50
C LEU A 134 15.21 -4.32 -5.62
N LEU A 135 14.17 -4.89 -5.04
CA LEU A 135 13.93 -6.34 -5.13
C LEU A 135 12.44 -6.58 -4.97
N VAL A 136 11.99 -7.76 -5.37
CA VAL A 136 10.60 -8.15 -5.23
C VAL A 136 10.73 -9.05 -4.01
N THR A 137 9.83 -8.92 -3.06
CA THR A 137 9.96 -9.71 -1.84
C THR A 137 8.68 -10.26 -1.25
N GLU A 138 8.85 -10.97 -0.14
CA GLU A 138 7.78 -11.61 0.56
C GLU A 138 6.48 -10.85 0.71
N GLY A 139 5.49 -11.46 0.09
CA GLY A 139 4.14 -11.00 0.14
C GLY A 139 3.67 -12.33 0.71
N LYS A 140 3.42 -13.30 -0.16
CA LYS A 140 3.01 -14.62 0.30
C LYS A 140 4.22 -15.54 0.31
N ALA A 141 4.61 -15.97 1.50
CA ALA A 141 5.75 -16.86 1.67
C ALA A 141 5.50 -18.15 0.91
N GLY A 142 6.53 -18.62 0.20
CA GLY A 142 6.40 -19.86 -0.55
C GLY A 142 6.10 -19.68 -2.03
N THR A 143 5.79 -18.46 -2.44
CA THR A 143 5.50 -18.19 -3.84
C THR A 143 6.69 -17.53 -4.53
N ALA A 144 6.66 -17.48 -5.86
CA ALA A 144 7.76 -16.89 -6.62
C ALA A 144 7.73 -15.37 -6.66
N PHE A 145 8.85 -14.76 -6.31
CA PHE A 145 8.97 -13.30 -6.33
C PHE A 145 9.75 -12.98 -7.59
N THR A 146 9.01 -12.58 -8.62
CA THR A 146 9.58 -12.31 -9.93
C THR A 146 9.42 -10.89 -10.44
N LEU A 147 10.33 -10.50 -11.32
CA LEU A 147 10.33 -9.15 -11.90
C LEU A 147 10.51 -9.23 -13.43
N SER A 148 9.57 -8.69 -14.18
CA SER A 148 9.67 -8.71 -15.65
C SER A 148 10.24 -7.43 -16.24
N ALA A 149 9.92 -6.29 -15.65
CA ALA A 149 10.43 -5.04 -16.20
C ALA A 149 10.40 -3.87 -15.23
N LEU A 150 11.17 -2.85 -15.54
CA LEU A 150 11.22 -1.64 -14.75
C LEU A 150 11.32 -0.44 -15.67
N LYS A 151 10.59 0.62 -15.33
CA LYS A 151 10.65 1.87 -16.07
C LYS A 151 10.93 2.91 -14.99
N ILE A 152 12.10 3.53 -15.09
CA ILE A 152 12.52 4.52 -14.11
C ILE A 152 12.64 5.90 -14.78
N LYS A 153 11.83 6.85 -14.32
CA LYS A 153 11.84 8.19 -14.89
C LYS A 153 12.10 9.25 -13.83
N LYS A 154 12.99 10.18 -14.13
CA LYS A 154 13.32 11.24 -13.20
C LYS A 154 12.23 12.33 -13.20
N LEU A 155 11.74 12.68 -12.01
CA LEU A 155 10.70 13.68 -11.88
C LEU A 155 11.22 15.05 -11.46
N SER A 156 12.28 15.07 -10.67
CA SER A 156 12.83 16.34 -10.20
C SER A 156 14.28 16.20 -9.79
N ASP A 157 15.04 17.30 -9.84
CA ASP A 157 16.43 17.28 -9.43
C ASP A 157 16.51 17.38 -7.92
N GLN A 158 15.39 17.71 -7.31
CA GLN A 158 15.32 17.83 -5.85
C GLN A 158 15.00 16.45 -5.30
N PRO A 159 15.94 15.84 -4.56
CA PRO A 159 15.67 14.51 -4.02
C PRO A 159 14.76 14.55 -2.80
N VAL A 160 13.56 15.07 -2.98
CA VAL A 160 12.59 15.15 -1.90
C VAL A 160 11.23 14.71 -2.41
N THR A 161 10.54 13.92 -1.59
CA THR A 161 9.22 13.39 -1.95
C THR A 161 8.18 14.48 -2.10
N ASN A 162 7.15 14.20 -2.89
CA ASN A 162 6.04 15.13 -3.08
C ASN A 162 5.09 14.93 -1.91
N ARG A 163 4.16 15.87 -1.73
CA ARG A 163 3.19 15.75 -0.64
C ARG A 163 2.46 14.41 -0.82
N THR A 164 2.34 13.65 0.25
CA THR A 164 1.71 12.34 0.14
C THR A 164 0.80 11.93 1.28
N ILE A 165 -0.19 11.11 0.96
CA ILE A 165 -1.11 10.56 1.95
C ILE A 165 -0.67 9.11 2.10
N TYR A 166 -0.13 8.76 3.27
CA TYR A 166 0.30 7.38 3.49
C TYR A 166 -0.84 6.66 4.19
N VAL A 167 -1.34 5.60 3.58
CA VAL A 167 -2.46 4.87 4.15
C VAL A 167 -2.10 3.55 4.82
N GLY A 168 -2.60 3.38 6.05
CA GLY A 168 -2.37 2.15 6.79
C GLY A 168 -3.73 1.48 6.97
N GLY A 169 -3.78 0.15 6.94
CA GLY A 169 -5.05 -0.52 7.12
C GLY A 169 -5.01 -2.01 6.88
N ASP A 170 -6.20 -2.61 6.76
CA ASP A 170 -6.33 -4.04 6.53
C ASP A 170 -6.98 -4.37 5.18
N SER A 171 -7.69 -5.50 5.12
CA SER A 171 -8.37 -5.95 3.91
C SER A 171 -9.44 -4.99 3.36
N THR A 172 -10.04 -4.19 4.23
CA THR A 172 -11.07 -3.26 3.78
C THR A 172 -10.46 -1.94 3.31
N VAL A 173 -9.14 -1.81 3.45
CA VAL A 173 -8.42 -0.59 3.08
C VAL A 173 -7.38 -0.77 1.97
N CYS A 174 -6.71 -1.91 1.97
CA CYS A 174 -5.63 -2.22 1.03
C CYS A 174 -5.97 -2.23 -0.45
N ASN A 175 -4.93 -2.36 -1.27
CA ASN A 175 -5.07 -2.40 -2.72
C ASN A 175 -5.25 -3.83 -3.21
N TYR A 176 -6.11 -3.97 -4.23
CA TYR A 176 -6.33 -5.26 -4.86
C TYR A 176 -5.95 -5.05 -6.32
N TYR A 177 -5.46 -6.08 -6.98
CA TYR A 177 -5.04 -5.94 -8.38
C TYR A 177 -5.88 -6.75 -9.36
N PRO A 178 -6.02 -6.26 -10.60
CA PRO A 178 -5.47 -5.01 -11.12
C PRO A 178 -6.09 -3.79 -10.43
N LEU A 179 -5.28 -2.77 -10.18
CA LEU A 179 -5.73 -1.55 -9.50
C LEU A 179 -7.01 -0.90 -10.03
N ASN A 180 -7.20 -0.94 -11.34
CA ASN A 180 -8.39 -0.32 -11.93
C ASN A 180 -9.40 -1.30 -12.50
N SER A 181 -9.30 -2.56 -12.08
CA SER A 181 -10.19 -3.58 -12.60
C SER A 181 -10.64 -4.59 -11.55
N SER A 182 -9.99 -4.59 -10.40
CA SER A 182 -10.31 -5.54 -9.34
C SER A 182 -11.76 -5.50 -8.86
N LYS A 183 -12.34 -6.69 -8.75
CA LYS A 183 -13.72 -6.87 -8.30
C LYS A 183 -13.84 -6.40 -6.85
N GLN A 184 -12.78 -6.63 -6.09
CA GLN A 184 -12.73 -6.24 -4.69
C GLN A 184 -11.77 -5.06 -4.58
N ALA A 185 -11.89 -4.27 -3.51
CA ALA A 185 -11.02 -3.13 -3.31
C ALA A 185 -11.12 -2.55 -1.91
N GLY A 186 -10.05 -1.91 -1.46
CA GLY A 186 -10.05 -1.29 -0.14
C GLY A 186 -10.32 0.16 -0.45
N TRP A 187 -10.94 0.91 0.47
CA TRP A 187 -11.22 2.31 0.14
C TRP A 187 -9.97 3.16 -0.05
N GLY A 188 -8.83 2.68 0.45
CA GLY A 188 -7.60 3.43 0.26
C GLY A 188 -7.21 3.36 -1.20
N GLN A 189 -7.68 2.32 -1.87
CA GLN A 189 -7.40 2.13 -3.29
C GLN A 189 -8.24 3.09 -4.13
N MSE A 190 -9.37 3.53 -3.58
CA MSE A 190 -10.27 4.45 -4.28
C MSE A 190 -10.05 5.90 -3.89
O MSE A 190 -10.61 6.81 -4.49
CB MSE A 190 -11.72 4.06 -4.03
CG MSE A 190 -12.44 3.59 -5.27
SE MSE A 190 -11.64 2.01 -6.04
CE MSE A 190 -12.83 0.70 -5.24
N LEU A 191 -9.24 6.12 -2.86
CA LEU A 191 -8.95 7.46 -2.38
C LEU A 191 -8.50 8.40 -3.50
N PRO A 192 -7.54 7.95 -4.33
CA PRO A 192 -7.07 8.82 -5.41
C PRO A 192 -8.17 9.40 -6.31
N HIS A 193 -9.32 8.73 -6.36
CA HIS A 193 -10.44 9.19 -7.17
C HIS A 193 -11.21 10.33 -6.49
N TYR A 194 -10.76 10.74 -5.31
CA TYR A 194 -11.46 11.79 -4.59
C TYR A 194 -10.64 12.98 -4.11
N ILE A 195 -9.31 12.89 -4.20
CA ILE A 195 -8.48 14.01 -3.80
C ILE A 195 -7.72 14.46 -5.04
N ASP A 196 -7.11 15.64 -4.99
CA ASP A 196 -6.37 16.14 -6.14
C ASP A 196 -4.96 15.56 -6.22
N LYS A 197 -4.68 14.88 -7.32
CA LYS A 197 -3.38 14.26 -7.53
C LYS A 197 -2.27 15.30 -7.61
N HIS A 198 -2.64 16.53 -7.96
CA HIS A 198 -1.66 17.62 -8.07
C HIS A 198 -1.36 18.16 -6.68
N THR A 199 -2.08 17.65 -5.68
CA THR A 199 -1.88 18.08 -4.31
C THR A 199 -1.29 16.97 -3.46
N PHE A 200 -1.78 15.75 -3.64
CA PHE A 200 -1.29 14.61 -2.89
C PHE A 200 -0.99 13.38 -3.70
N GLN A 201 -0.02 12.61 -3.23
CA GLN A 201 0.32 11.33 -3.83
C GLN A 201 -0.35 10.42 -2.81
N VAL A 202 -0.82 9.26 -3.25
CA VAL A 202 -1.46 8.34 -2.34
C VAL A 202 -0.67 7.03 -2.32
N ARG A 203 -0.13 6.67 -1.17
CA ARG A 203 0.60 5.42 -1.05
C ARG A 203 -0.16 4.53 -0.05
N ASN A 204 -0.92 3.59 -0.60
CA ASN A 204 -1.73 2.68 0.21
C ASN A 204 -0.89 1.49 0.69
N MSE A 205 -0.39 1.60 1.91
CA MSE A 205 0.46 0.56 2.50
C MSE A 205 -0.29 -0.48 3.32
O MSE A 205 0.33 -1.33 3.97
CB MSE A 205 1.54 1.20 3.37
CG MSE A 205 2.34 2.30 2.68
SE MSE A 205 3.09 1.74 0.95
CE MSE A 205 4.64 0.74 1.59
N ALA A 206 -1.61 -0.42 3.31
CA ALA A 206 -2.44 -1.36 4.06
C ALA A 206 -2.23 -2.77 3.52
N SER A 207 -2.53 -3.77 4.34
CA SER A 207 -2.39 -5.16 3.92
C SER A 207 -3.50 -6.03 4.50
N GLY A 208 -3.90 -7.06 3.75
CA GLY A 208 -4.97 -7.92 4.21
C GLY A 208 -4.71 -8.65 5.52
N GLY A 209 -5.70 -8.62 6.40
CA GLY A 209 -5.60 -9.29 7.69
C GLY A 209 -4.65 -8.68 8.71
N GLN A 210 -4.21 -7.44 8.47
CA GLN A 210 -3.28 -6.79 9.39
C GLN A 210 -3.92 -6.19 10.64
N ILE A 211 -3.13 -6.16 11.70
CA ILE A 211 -3.54 -5.62 13.00
C ILE A 211 -2.52 -4.52 13.33
N ALA A 212 -2.76 -3.77 14.40
CA ALA A 212 -1.86 -2.70 14.80
C ALA A 212 -0.44 -3.16 15.10
N ARG A 213 -0.32 -4.23 15.90
CA ARG A 213 1.00 -4.74 16.28
C ARG A 213 1.82 -5.08 15.03
N GLY A 214 1.22 -5.82 14.11
CA GLY A 214 1.91 -6.20 12.89
C GLY A 214 2.29 -5.03 12.02
N PHE A 215 1.38 -4.08 11.83
CA PHE A 215 1.65 -2.92 11.00
C PHE A 215 2.86 -2.18 11.59
N ARG A 216 2.91 -2.11 12.90
CA ARG A 216 4.00 -1.42 13.59
C ARG A 216 5.34 -2.13 13.51
N ASN A 217 5.33 -3.42 13.87
CA ASN A 217 6.56 -4.20 13.93
C ASN A 217 7.10 -4.92 12.71
N ASP A 218 6.26 -5.25 11.74
CA ASP A 218 6.76 -6.02 10.60
C ASP A 218 7.12 -5.32 9.28
N GLY A 219 7.40 -4.01 9.33
CA GLY A 219 7.81 -3.32 8.11
C GLY A 219 6.95 -2.20 7.55
N GLN A 220 5.64 -2.30 7.67
CA GLN A 220 4.76 -1.26 7.13
C GLN A 220 4.99 0.11 7.76
N LEU A 221 5.09 0.19 9.08
CA LEU A 221 5.31 1.50 9.69
C LEU A 221 6.70 2.03 9.34
N GLU A 222 7.70 1.15 9.36
CA GLU A 222 9.07 1.56 9.03
C GLU A 222 9.13 2.17 7.63
N ALA A 223 8.43 1.55 6.68
CA ALA A 223 8.39 2.01 5.30
C ALA A 223 7.83 3.43 5.20
N ILE A 224 6.83 3.74 6.02
CA ILE A 224 6.22 5.06 6.00
C ILE A 224 7.07 6.09 6.75
N LEU A 225 7.67 5.70 7.86
CA LEU A 225 8.50 6.60 8.65
C LEU A 225 9.75 7.01 7.87
N LYS A 226 10.10 6.19 6.89
CA LYS A 226 11.26 6.44 6.05
C LYS A 226 11.09 7.72 5.23
N TYR A 227 9.87 8.04 4.83
CA TYR A 227 9.63 9.21 3.99
C TYR A 227 8.64 10.25 4.49
N ILE A 228 7.71 9.87 5.34
CA ILE A 228 6.72 10.82 5.83
C ILE A 228 7.37 12.06 6.47
N LYS A 229 6.84 13.23 6.16
CA LYS A 229 7.39 14.48 6.68
C LYS A 229 6.29 15.54 6.83
N PRO A 230 6.66 16.74 7.33
CA PRO A 230 5.65 17.79 7.49
C PRO A 230 4.91 18.03 6.17
N GLY A 231 3.59 18.13 6.26
CA GLY A 231 2.79 18.36 5.08
C GLY A 231 2.01 17.12 4.69
N ASP A 232 2.59 15.95 4.98
CA ASP A 232 1.95 14.68 4.66
C ASP A 232 0.90 14.27 5.68
N TYR A 233 0.13 13.25 5.33
CA TYR A 233 -0.90 12.71 6.20
C TYR A 233 -0.76 11.20 6.32
N PHE A 234 -0.90 10.70 7.53
CA PHE A 234 -0.85 9.26 7.77
C PHE A 234 -2.29 8.88 8.05
N MSE A 235 -2.96 8.30 7.06
CA MSE A 235 -4.35 7.90 7.20
C MSE A 235 -4.36 6.45 7.64
O MSE A 235 -4.02 5.55 6.87
CB MSE A 235 -5.06 8.07 5.87
CG MSE A 235 -6.57 7.96 5.96
SE MSE A 235 -7.38 9.02 4.56
CE MSE A 235 -7.86 10.56 5.61
N LEU A 236 -4.75 6.23 8.90
CA LEU A 236 -4.75 4.90 9.49
C LEU A 236 -6.12 4.38 9.93
N GLN A 237 -6.45 3.16 9.50
CA GLN A 237 -7.70 2.53 9.89
C GLN A 237 -7.48 1.04 10.17
N LEU A 238 -7.43 0.70 11.46
CA LEU A 238 -7.24 -0.68 11.89
C LEU A 238 -8.21 -0.92 13.03
N GLY A 239 -8.36 -2.18 13.43
CA GLY A 239 -9.26 -2.50 14.52
C GLY A 239 -10.12 -3.71 14.21
N ILE A 240 -10.32 -3.99 12.93
CA ILE A 240 -11.14 -5.12 12.54
C ILE A 240 -10.52 -6.44 12.95
N ASN A 241 -9.34 -6.74 12.41
CA ASN A 241 -8.63 -7.99 12.72
C ASN A 241 -8.11 -8.00 14.15
N ASP A 242 -7.89 -6.82 14.70
CA ASP A 242 -7.39 -6.68 16.06
C ASP A 242 -8.30 -7.32 17.11
N THR A 243 -9.59 -7.42 16.81
CA THR A 243 -10.54 -8.00 17.75
C THR A 243 -10.56 -9.53 17.73
N ASN A 244 -9.93 -10.11 16.72
CA ASN A 244 -9.85 -11.57 16.62
C ASN A 244 -8.97 -12.08 17.76
N PRO A 245 -9.48 -13.00 18.58
CA PRO A 245 -8.75 -13.57 19.72
C PRO A 245 -7.41 -14.24 19.40
N LYS A 246 -7.28 -14.84 18.22
CA LYS A 246 -6.04 -15.52 17.88
C LYS A 246 -4.78 -14.65 17.96
N HIS A 247 -4.93 -13.35 17.75
CA HIS A 247 -3.80 -12.43 17.81
C HIS A 247 -3.46 -12.08 19.25
N LYS A 248 -4.38 -12.39 20.16
CA LYS A 248 -4.20 -12.11 21.58
C LYS A 248 -3.77 -10.66 21.78
N GLU A 249 -4.46 -9.75 21.11
CA GLU A 249 -4.17 -8.32 21.22
C GLU A 249 -5.37 -7.62 21.85
N SER A 250 -5.29 -7.41 23.16
CA SER A 250 -6.36 -6.77 23.91
C SER A 250 -6.61 -5.37 23.40
N GLU A 251 -7.74 -4.79 23.79
CA GLU A 251 -8.05 -3.43 23.38
C GLU A 251 -6.98 -2.52 23.98
N ALA A 252 -6.53 -2.86 25.17
CA ALA A 252 -5.50 -2.08 25.84
C ALA A 252 -4.21 -2.09 25.01
N GLU A 253 -3.78 -3.27 24.56
CA GLU A 253 -2.56 -3.36 23.77
C GLU A 253 -2.77 -2.59 22.48
N PHE A 254 -3.91 -2.82 21.85
CA PHE A 254 -4.25 -2.14 20.61
C PHE A 254 -4.06 -0.64 20.76
N LYS A 255 -4.66 -0.08 21.81
CA LYS A 255 -4.58 1.34 22.09
C LYS A 255 -3.14 1.81 22.30
N GLU A 256 -2.34 1.02 23.02
CA GLU A 256 -0.93 1.35 23.29
C GLU A 256 -0.09 1.39 22.02
N VAL A 257 -0.23 0.35 21.20
CA VAL A 257 0.51 0.25 19.94
C VAL A 257 0.14 1.38 19.01
N MSE A 258 -1.16 1.62 18.91
CA MSE A 258 -1.69 2.69 18.07
C MSE A 258 -1.13 4.03 18.51
O MSE A 258 -0.72 4.84 17.69
CB MSE A 258 -3.21 2.71 18.14
CG MSE A 258 -3.89 1.53 17.48
SE MSE A 258 -3.94 1.70 15.54
CE MSE A 258 -5.44 2.93 15.42
N ARG A 259 -1.10 4.26 19.83
CA ARG A 259 -0.59 5.49 20.39
C ARG A 259 0.86 5.73 19.98
N ASP A 260 1.67 4.67 20.07
CA ASP A 260 3.08 4.74 19.71
C ASP A 260 3.28 5.13 18.25
N MSE A 261 2.55 4.48 17.35
CA MSE A 261 2.67 4.78 15.93
C MSE A 261 2.35 6.24 15.67
O MSE A 261 3.05 6.91 14.91
CB MSE A 261 1.73 3.90 15.10
CG MSE A 261 2.07 2.42 15.11
SE MSE A 261 1.33 1.52 13.56
CE MSE A 261 -0.43 1.09 14.24
N ILE A 262 1.28 6.73 16.28
CA ILE A 262 0.87 8.13 16.10
C ILE A 262 1.99 9.07 16.54
N ARG A 263 2.60 8.77 17.68
CA ARG A 263 3.67 9.61 18.19
C ARG A 263 4.90 9.58 17.29
N GLN A 264 5.25 8.39 16.80
CA GLN A 264 6.39 8.27 15.91
C GLN A 264 6.17 9.07 14.64
N VAL A 265 4.95 9.01 14.10
CA VAL A 265 4.66 9.76 12.89
C VAL A 265 4.65 11.25 13.18
N LYS A 266 4.05 11.64 14.30
CA LYS A 266 4.00 13.05 14.66
C LYS A 266 5.42 13.57 14.90
N ALA A 267 6.31 12.69 15.33
CA ALA A 267 7.70 13.07 15.59
C ALA A 267 8.38 13.47 14.29
N LYS A 268 7.80 13.07 13.15
CA LYS A 268 8.36 13.39 11.84
C LYS A 268 7.79 14.71 11.33
N GLY A 269 6.85 15.27 12.08
CA GLY A 269 6.25 16.54 11.68
C GLY A 269 5.01 16.38 10.81
N ALA A 270 4.66 15.14 10.48
CA ALA A 270 3.49 14.87 9.66
C ALA A 270 2.24 14.80 10.53
N ASP A 271 1.07 14.80 9.90
CA ASP A 271 -0.19 14.72 10.64
C ASP A 271 -0.83 13.34 10.55
N VAL A 272 -1.67 13.03 11.52
CA VAL A 272 -2.34 11.74 11.56
C VAL A 272 -3.86 11.86 11.51
N ILE A 273 -4.47 11.04 10.65
CA ILE A 273 -5.92 11.00 10.52
C ILE A 273 -6.37 9.58 10.84
N LEU A 274 -7.01 9.40 11.99
CA LEU A 274 -7.49 8.08 12.39
C LEU A 274 -8.90 7.87 11.87
N SER A 275 -9.22 6.62 11.49
CA SER A 275 -10.54 6.30 10.98
C SER A 275 -11.14 5.10 11.70
N THR A 276 -12.41 5.21 12.08
CA THR A 276 -13.09 4.10 12.74
C THR A 276 -13.58 3.21 11.60
N PRO A 277 -13.14 1.93 11.58
CA PRO A 277 -13.58 1.05 10.50
C PRO A 277 -15.09 0.81 10.45
N GLN A 278 -15.64 0.81 9.24
CA GLN A 278 -17.07 0.55 9.07
C GLN A 278 -17.40 -0.86 9.53
N GLY A 279 -18.68 -1.13 9.75
CA GLY A 279 -19.09 -2.44 10.21
C GLY A 279 -19.41 -3.43 9.12
N ARG A 280 -20.22 -4.44 9.46
CA ARG A 280 -20.61 -5.46 8.50
C ARG A 280 -21.85 -5.03 7.72
N ALA A 281 -22.00 -5.56 6.51
CA ALA A 281 -23.14 -5.23 5.65
C ALA A 281 -24.49 -5.59 6.26
N THR A 282 -24.48 -6.49 7.24
CA THR A 282 -25.71 -6.93 7.87
C THR A 282 -25.99 -6.37 9.27
N ASP A 283 -25.28 -5.32 9.65
CA ASP A 283 -25.50 -4.70 10.97
C ASP A 283 -26.72 -3.78 10.96
N PHE A 284 -27.83 -4.31 10.47
CA PHE A 284 -29.10 -3.57 10.41
C PHE A 284 -30.03 -4.09 11.50
N THR A 285 -30.75 -3.18 12.14
CA THR A 285 -31.70 -3.56 13.19
C THR A 285 -33.04 -3.88 12.53
N SER A 286 -34.04 -4.19 13.35
CA SER A 286 -35.37 -4.51 12.87
C SER A 286 -35.96 -3.28 12.17
N GLU A 287 -35.66 -2.12 12.72
CA GLU A 287 -36.14 -0.85 12.18
C GLU A 287 -35.38 -0.40 10.93
N GLY A 288 -34.53 -1.27 10.40
CA GLY A 288 -33.76 -0.94 9.22
C GLY A 288 -32.68 0.10 9.41
N ILE A 289 -32.18 0.24 10.63
CA ILE A 289 -31.12 1.20 10.91
C ILE A 289 -29.79 0.47 11.04
N HIS A 290 -28.79 0.91 10.28
CA HIS A 290 -27.47 0.28 10.32
C HIS A 290 -26.62 0.86 11.46
N SER A 291 -26.20 -0.02 12.37
CA SER A 291 -25.38 0.39 13.51
C SER A 291 -24.23 -0.57 13.79
N SER A 292 -23.04 -0.03 14.03
CA SER A 292 -21.85 -0.84 14.31
C SER A 292 -20.96 -0.09 15.29
N VAL A 293 -21.57 0.82 16.05
CA VAL A 293 -20.85 1.67 17.01
C VAL A 293 -19.90 1.01 18.01
N ASN A 294 -20.05 -0.29 18.25
CA ASN A 294 -19.18 -0.96 19.22
C ASN A 294 -18.20 -1.95 18.61
N ARG A 295 -18.11 -1.96 17.28
CA ARG A 295 -17.21 -2.89 16.60
C ARG A 295 -15.79 -2.38 16.42
N TRP A 296 -14.88 -3.32 16.19
CA TRP A 296 -13.47 -3.03 15.92
C TRP A 296 -12.77 -2.05 16.86
N TYR A 297 -12.96 -2.20 18.18
CA TYR A 297 -12.32 -1.31 19.16
C TYR A 297 -12.55 0.19 18.89
N ARG A 298 -13.68 0.54 18.28
CA ARG A 298 -13.99 1.93 17.98
C ARG A 298 -13.79 2.86 19.17
N ALA A 299 -14.16 2.40 20.35
CA ALA A 299 -14.04 3.20 21.57
C ALA A 299 -12.62 3.73 21.78
N SER A 300 -11.63 2.86 21.57
CA SER A 300 -10.22 3.24 21.75
C SER A 300 -9.75 4.21 20.68
N ILE A 301 -10.26 4.05 19.47
CA ILE A 301 -9.87 4.93 18.37
C ILE A 301 -10.35 6.36 18.66
N LEU A 302 -11.57 6.50 19.18
CA LEU A 302 -12.11 7.82 19.50
C LEU A 302 -11.25 8.46 20.59
N ALA A 303 -10.97 7.69 21.63
CA ALA A 303 -10.17 8.18 22.75
C ALA A 303 -8.78 8.63 22.30
N LEU A 304 -8.12 7.82 21.47
CA LEU A 304 -6.80 8.14 20.96
C LEU A 304 -6.77 9.44 20.18
N ALA A 305 -7.83 9.71 19.42
CA ALA A 305 -7.90 10.93 18.62
C ALA A 305 -7.85 12.17 19.52
N GLU A 306 -8.54 12.09 20.66
CA GLU A 306 -8.61 13.19 21.62
C GLU A 306 -7.34 13.29 22.44
N GLU A 307 -6.88 12.14 22.95
CA GLU A 307 -5.67 12.07 23.77
C GLU A 307 -4.39 12.47 23.03
N GLU A 308 -4.25 12.01 21.78
CA GLU A 308 -3.06 12.31 20.98
C GLU A 308 -3.28 13.46 20.02
N LYS A 309 -4.46 14.07 20.08
CA LYS A 309 -4.80 15.19 19.23
C LYS A 309 -4.57 14.93 17.74
N THR A 310 -5.26 13.95 17.20
CA THR A 310 -5.15 13.62 15.79
C THR A 310 -6.47 13.98 15.12
N TYR A 311 -6.49 13.98 13.79
CA TYR A 311 -7.73 14.25 13.07
C TYR A 311 -8.51 12.95 13.14
N LEU A 312 -9.82 13.02 13.00
CA LEU A 312 -10.65 11.82 13.09
C LEU A 312 -11.81 11.77 12.12
N ILE A 313 -11.91 10.67 11.40
CA ILE A 313 -13.00 10.43 10.46
C ILE A 313 -13.75 9.27 11.07
N ASP A 314 -14.97 9.51 11.54
CA ASP A 314 -15.76 8.45 12.16
C ASP A 314 -16.49 7.71 11.05
N LEU A 315 -15.73 7.09 10.16
CA LEU A 315 -16.31 6.37 9.04
C LEU A 315 -17.32 5.31 9.47
N ASN A 316 -17.16 4.80 10.69
CA ASN A 316 -18.09 3.81 11.21
C ASN A 316 -19.51 4.37 11.20
N VAL A 317 -19.67 5.56 11.76
CA VAL A 317 -20.97 6.21 11.84
C VAL A 317 -21.40 6.81 10.50
N LEU A 318 -20.49 7.50 9.83
CA LEU A 318 -20.80 8.10 8.54
C LEU A 318 -21.25 7.04 7.55
N SER A 319 -20.53 5.92 7.50
CA SER A 319 -20.90 4.86 6.56
C SER A 319 -22.24 4.21 6.96
N SER A 320 -22.46 4.04 8.26
CA SER A 320 -23.72 3.45 8.73
C SER A 320 -24.89 4.34 8.33
N ALA A 321 -24.69 5.67 8.38
CA ALA A 321 -25.74 6.59 8.00
C ALA A 321 -26.05 6.40 6.51
N TYR A 322 -25.02 6.20 5.70
CA TYR A 322 -25.20 5.99 4.28
C TYR A 322 -25.90 4.66 3.99
N PHE A 323 -25.54 3.61 4.72
CA PHE A 323 -26.18 2.32 4.51
C PHE A 323 -27.64 2.40 4.93
N THR A 324 -27.90 3.09 6.03
CA THR A 324 -29.26 3.27 6.52
C THR A 324 -30.11 4.01 5.48
N SER A 325 -29.48 4.94 4.76
CA SER A 325 -30.20 5.74 3.76
C SER A 325 -30.46 5.02 2.44
N ILE A 326 -29.74 3.92 2.19
CA ILE A 326 -29.95 3.19 0.94
C ILE A 326 -30.62 1.84 1.13
N GLY A 327 -30.73 1.40 2.38
CA GLY A 327 -31.39 0.13 2.66
C GLY A 327 -30.48 -1.09 2.70
N PRO A 328 -30.87 -2.15 3.42
CA PRO A 328 -30.10 -3.38 3.54
C PRO A 328 -29.76 -4.06 2.21
N GLU A 329 -30.74 -4.11 1.31
CA GLU A 329 -30.53 -4.76 0.02
C GLU A 329 -29.44 -4.10 -0.81
N ARG A 330 -29.49 -2.77 -0.93
CA ARG A 330 -28.49 -2.05 -1.71
C ARG A 330 -27.12 -2.07 -1.01
N THR A 331 -27.14 -1.96 0.32
CA THR A 331 -25.90 -1.98 1.09
C THR A 331 -25.16 -3.29 0.82
N LEU A 332 -25.92 -4.38 0.78
CA LEU A 332 -25.38 -5.70 0.54
C LEU A 332 -24.65 -5.71 -0.80
N GLY A 333 -25.07 -4.85 -1.72
CA GLY A 333 -24.43 -4.78 -3.02
C GLY A 333 -23.12 -4.02 -2.99
N LEU A 334 -22.76 -3.50 -1.83
CA LEU A 334 -21.51 -2.76 -1.68
C LEU A 334 -20.43 -3.62 -1.04
N TYR A 335 -20.78 -4.88 -0.75
CA TYR A 335 -19.84 -5.82 -0.16
C TYR A 335 -19.70 -7.03 -1.08
N MSE A 336 -18.59 -7.74 -0.96
CA MSE A 336 -18.36 -8.94 -1.76
C MSE A 336 -19.50 -9.93 -1.53
O MSE A 336 -19.99 -10.04 -0.42
CB MSE A 336 -17.02 -9.58 -1.40
CG MSE A 336 -15.80 -8.76 -1.79
SE MSE A 336 -15.63 -8.57 -3.72
CE MSE A 336 -14.63 -10.20 -4.09
N ASP A 337 -19.89 -10.64 -2.58
CA ASP A 337 -20.98 -11.61 -2.46
C ASP A 337 -20.74 -12.63 -1.35
N GLY A 338 -21.76 -12.84 -0.52
CA GLY A 338 -21.63 -13.80 0.56
C GLY A 338 -20.53 -13.43 1.55
N ASP A 339 -20.09 -12.18 1.49
CA ASP A 339 -19.05 -11.68 2.38
C ASP A 339 -19.54 -10.39 3.01
N THR A 340 -19.90 -10.45 4.29
CA THR A 340 -20.41 -9.26 4.98
C THR A 340 -19.33 -8.38 5.58
N LEU A 341 -18.07 -8.71 5.37
CA LEU A 341 -16.98 -7.92 5.94
C LEU A 341 -16.20 -7.11 4.92
N HIS A 342 -15.93 -7.70 3.76
CA HIS A 342 -15.14 -7.03 2.73
C HIS A 342 -15.92 -6.27 1.67
N PRO A 343 -15.69 -4.94 1.58
CA PRO A 343 -16.39 -4.13 0.59
C PRO A 343 -15.92 -4.52 -0.81
N ASN A 344 -16.75 -4.31 -1.82
CA ASN A 344 -16.34 -4.59 -3.18
C ASN A 344 -15.89 -3.24 -3.72
N ARG A 345 -15.63 -3.14 -5.01
CA ARG A 345 -15.19 -1.87 -5.57
C ARG A 345 -16.18 -0.74 -5.30
N ALA A 346 -17.48 -1.01 -5.50
CA ALA A 346 -18.52 0.00 -5.28
C ALA A 346 -18.53 0.43 -3.81
N GLY A 347 -18.50 -0.52 -2.90
CA GLY A 347 -18.51 -0.18 -1.48
C GLY A 347 -17.25 0.59 -1.10
N ALA A 348 -16.12 0.18 -1.66
CA ALA A 348 -14.85 0.83 -1.38
C ALA A 348 -14.88 2.26 -1.89
N ASP A 349 -15.53 2.46 -3.04
CA ASP A 349 -15.63 3.79 -3.62
C ASP A 349 -16.51 4.72 -2.80
N ALA A 350 -17.59 4.20 -2.24
CA ALA A 350 -18.48 5.02 -1.41
C ALA A 350 -17.82 5.37 -0.09
N LEU A 351 -17.06 4.42 0.46
CA LEU A 351 -16.36 4.65 1.72
C LEU A 351 -15.33 5.76 1.54
N ALA A 352 -14.60 5.70 0.42
CA ALA A 352 -13.58 6.71 0.14
C ALA A 352 -14.24 8.07 -0.03
N ARG A 353 -15.37 8.09 -0.72
CA ARG A 353 -16.14 9.31 -0.96
C ARG A 353 -16.53 9.94 0.36
N LEU A 354 -17.09 9.13 1.25
CA LEU A 354 -17.51 9.61 2.56
C LEU A 354 -16.33 10.14 3.35
N ALA A 355 -15.20 9.42 3.29
CA ALA A 355 -14.02 9.82 4.02
C ALA A 355 -13.55 11.22 3.63
N VAL A 356 -13.40 11.46 2.34
CA VAL A 356 -12.95 12.77 1.85
C VAL A 356 -13.99 13.85 2.10
N GLN A 357 -15.27 13.51 1.94
CA GLN A 357 -16.35 14.46 2.19
C GLN A 357 -16.26 14.94 3.63
N GLU A 358 -15.86 14.04 4.52
CA GLU A 358 -15.72 14.35 5.93
C GLU A 358 -14.50 15.24 6.18
N LEU A 359 -13.41 14.96 5.47
CA LEU A 359 -12.19 15.74 5.61
C LEU A 359 -12.45 17.18 5.18
N LYS A 360 -13.27 17.34 4.15
CA LYS A 360 -13.61 18.67 3.66
C LYS A 360 -14.52 19.39 4.64
N ARG A 361 -15.44 18.66 5.25
CA ARG A 361 -16.36 19.26 6.22
C ARG A 361 -15.60 19.82 7.41
N GLN A 362 -14.50 19.17 7.78
CA GLN A 362 -13.69 19.61 8.90
C GLN A 362 -12.69 20.69 8.47
N GLY A 363 -12.63 20.95 7.18
CA GLY A 363 -11.71 21.95 6.66
C GLY A 363 -10.25 21.58 6.85
N ILE A 364 -9.94 20.29 6.80
CA ILE A 364 -8.57 19.85 6.98
C ILE A 364 -7.71 20.24 5.77
N ALA A 365 -6.61 20.93 6.05
CA ALA A 365 -5.70 21.43 5.03
C ALA A 365 -5.36 20.45 3.92
N GLY A 366 -5.62 20.86 2.68
CA GLY A 366 -5.33 20.03 1.53
C GLY A 366 -6.54 19.36 0.92
N PHE A 367 -7.64 19.31 1.66
CA PHE A 367 -8.86 18.69 1.16
C PHE A 367 -9.97 19.70 0.90
MN MN B . 12.52 -10.03 -21.94
S SO4 C . -3.48 -15.24 0.17
O1 SO4 C . -2.57 -14.76 -0.90
O2 SO4 C . -3.30 -16.69 0.35
O3 SO4 C . -4.87 -14.96 -0.24
O4 SO4 C . -3.18 -14.56 1.44
#